data_3O6C
#
_entry.id   3O6C
#
_cell.length_a   90.976
_cell.length_b   90.976
_cell.length_c   155.798
_cell.angle_alpha   90.000
_cell.angle_beta   90.000
_cell.angle_gamma   90.000
#
_symmetry.space_group_name_H-M   'I 4 2 2'
#
loop_
_entity.id
_entity.type
_entity.pdbx_description
1 polymer "Pyridoxine 5'-phosphate synthase"
2 non-polymer 'PHOSPHATE ION'
3 water water
#
_entity_poly.entity_id   1
_entity_poly.type   'polypeptide(L)'
_entity_poly.pdbx_seq_one_letter_code
;SNA(MSE)LLGVNIDHIAVLRQAR(MSE)VNDPDLLEAAFIVARHGDQITLHVREDRRHAQDFDLENIIKFCKSPVNLEC
ALNDEILNLALKLKPHRVTLVPEKREELTTEGGLCLNHAKLKQSIEKLQNANIEVSLFINPSLEDIEKSKILKAQFIELH
TGHYANLHNALFSNISHTAFALKELDQDKKTLQAQFEKELQNLELCAKKGLELGLKVAAGHGLNYKNVKPVVKIKEICEL
NIGQSIVARSVFTGLQNAILE(MSE)KELIKR
;
_entity_poly.pdbx_strand_id   A
#
loop_
_chem_comp.id
_chem_comp.type
_chem_comp.name
_chem_comp.formula
PO4 non-polymer 'PHOSPHATE ION' 'O4 P -3'
#
# COMPACT_ATOMS: atom_id res chain seq x y z
N ASN A 2 13.71 -12.52 -6.55
CA ASN A 2 13.17 -13.81 -6.06
CA ASN A 2 13.07 -13.84 -6.22
C ASN A 2 11.76 -13.67 -5.40
N ALA A 3 11.63 -14.15 -4.17
CA ALA A 3 10.32 -14.35 -3.52
C ALA A 3 9.62 -13.03 -3.07
N MSE A 4 8.41 -12.74 -3.57
CA MSE A 4 7.72 -11.47 -3.20
CA MSE A 4 7.64 -11.54 -3.22
C MSE A 4 7.19 -11.60 -1.78
O MSE A 4 6.68 -12.65 -1.36
CB MSE A 4 6.51 -11.12 -4.06
CB MSE A 4 6.38 -11.50 -4.07
CG MSE A 4 6.80 -10.79 -5.49
CG MSE A 4 6.47 -10.71 -5.31
SE MSE A 4 5.21 -10.11 -6.39
SE MSE A 4 6.47 -8.87 -4.78
CE MSE A 4 5.68 -8.24 -6.62
CE MSE A 4 5.82 -8.12 -6.47
N LEU A 5 7.35 -10.51 -1.04
CA LEU A 5 6.83 -10.39 0.31
C LEU A 5 5.43 -9.82 0.24
N LEU A 6 4.54 -10.28 1.12
CA LEU A 6 3.17 -9.80 1.21
C LEU A 6 2.89 -9.13 2.54
N GLY A 7 2.65 -7.84 2.49
CA GLY A 7 2.14 -7.11 3.64
C GLY A 7 0.63 -7.09 3.54
N VAL A 8 -0.05 -7.48 4.61
CA VAL A 8 -1.51 -7.47 4.62
C VAL A 8 -1.98 -6.29 5.42
N ASN A 9 -2.71 -5.39 4.75
CA ASN A 9 -3.25 -4.19 5.41
C ASN A 9 -4.63 -4.58 6.01
N ILE A 10 -4.78 -4.37 7.31
CA ILE A 10 -5.94 -4.82 8.04
C ILE A 10 -6.97 -3.73 8.26
N ASP A 11 -6.75 -2.59 7.59
CA ASP A 11 -7.62 -1.42 7.78
C ASP A 11 -9.11 -1.79 7.61
N HIS A 12 -9.46 -2.62 6.59
CA HIS A 12 -10.85 -2.90 6.31
C HIS A 12 -11.52 -3.85 7.29
N ILE A 13 -10.72 -4.55 8.07
CA ILE A 13 -11.23 -5.25 9.22
C ILE A 13 -11.63 -4.22 10.28
N ALA A 14 -10.80 -3.20 10.49
CA ALA A 14 -11.17 -2.10 11.42
C ALA A 14 -12.37 -1.34 10.88
N VAL A 15 -12.51 -1.23 9.55
CA VAL A 15 -13.72 -0.59 9.00
C VAL A 15 -14.97 -1.31 9.50
N LEU A 16 -14.98 -2.65 9.37
CA LEU A 16 -16.11 -3.42 9.91
CA LEU A 16 -16.09 -3.43 9.88
C LEU A 16 -16.28 -3.18 11.40
N ARG A 17 -15.20 -3.23 12.16
CA ARG A 17 -15.30 -3.06 13.61
C ARG A 17 -15.91 -1.70 13.99
N GLN A 18 -15.41 -0.63 13.37
CA GLN A 18 -15.87 0.72 13.73
C GLN A 18 -17.33 0.92 13.31
N ALA A 19 -17.81 0.13 12.35
CA ALA A 19 -19.18 0.28 11.88
C ALA A 19 -20.26 0.01 12.95
N ARG A 20 -19.99 -0.89 13.88
CA ARG A 20 -20.95 -1.23 14.90
C ARG A 20 -20.44 -0.93 16.31
N MSE A 21 -19.13 -0.75 16.47
CA MSE A 21 -18.54 -0.31 17.76
C MSE A 21 -18.79 -1.31 18.86
O MSE A 21 -19.05 -0.92 20.02
CB MSE A 21 -19.07 1.08 18.15
CG MSE A 21 -18.82 2.15 17.12
SE MSE A 21 -16.94 2.57 16.85
CE MSE A 21 -16.52 3.40 18.65
N VAL A 22 -18.69 -2.60 18.54
CA VAL A 22 -18.77 -3.65 19.57
C VAL A 22 -17.53 -4.54 19.61
N ASN A 23 -16.41 -4.00 19.16
CA ASN A 23 -15.12 -4.69 19.18
C ASN A 23 -15.16 -6.03 18.41
N ASP A 24 -15.90 -6.06 17.30
CA ASP A 24 -16.05 -7.30 16.54
C ASP A 24 -16.26 -6.91 15.08
N PRO A 25 -15.39 -7.37 14.17
CA PRO A 25 -14.23 -8.26 14.43
C PRO A 25 -13.16 -7.64 15.28
N ASP A 26 -12.40 -8.48 15.97
CA ASP A 26 -11.33 -8.04 16.84
C ASP A 26 -10.07 -7.93 16.00
N LEU A 27 -9.51 -6.74 15.94
CA LEU A 27 -8.36 -6.50 15.08
C LEU A 27 -7.10 -7.25 15.55
N LEU A 28 -6.94 -7.43 16.85
CA LEU A 28 -5.77 -8.16 17.34
C LEU A 28 -5.85 -9.63 16.94
N GLU A 29 -7.04 -10.21 17.03
CA GLU A 29 -7.23 -11.55 16.43
C GLU A 29 -6.85 -11.67 14.98
N ALA A 30 -7.24 -10.70 14.16
CA ALA A 30 -6.92 -10.70 12.78
C ALA A 30 -5.42 -10.56 12.60
N ALA A 31 -4.81 -9.64 13.35
CA ALA A 31 -3.36 -9.45 13.31
C ALA A 31 -2.57 -10.72 13.57
N PHE A 32 -3.02 -11.56 14.49
CA PHE A 32 -2.34 -12.83 14.77
C PHE A 32 -2.29 -13.73 13.51
N ILE A 33 -3.39 -13.72 12.77
CA ILE A 33 -3.45 -14.47 11.54
C ILE A 33 -2.49 -13.93 10.48
N VAL A 34 -2.46 -12.61 10.32
CA VAL A 34 -1.52 -11.96 9.39
C VAL A 34 -0.10 -12.21 9.79
N ALA A 35 0.15 -12.12 11.08
CA ALA A 35 1.47 -12.41 11.62
C ALA A 35 1.96 -13.77 11.18
N ARG A 36 1.10 -14.78 11.23
CA ARG A 36 1.50 -16.11 10.89
C ARG A 36 1.63 -16.35 9.39
N HIS A 37 0.63 -15.91 8.66
CA HIS A 37 0.49 -16.29 7.25
C HIS A 37 1.02 -15.28 6.26
N GLY A 38 1.08 -14.01 6.65
CA GLY A 38 1.66 -12.96 5.82
C GLY A 38 3.12 -12.69 6.21
N ASP A 39 3.72 -11.68 5.58
CA ASP A 39 5.09 -11.30 5.85
C ASP A 39 5.25 -10.02 6.69
N GLN A 40 4.20 -9.20 6.71
CA GLN A 40 4.17 -8.01 7.55
C GLN A 40 2.73 -7.58 7.74
N ILE A 41 2.46 -6.91 8.85
CA ILE A 41 1.16 -6.41 9.16
C ILE A 41 1.19 -4.92 8.84
N THR A 42 0.29 -4.46 7.98
CA THR A 42 0.20 -3.04 7.62
C THR A 42 -1.09 -2.49 8.15
N LEU A 43 -1.02 -1.25 8.61
CA LEU A 43 -2.23 -0.54 9.01
C LEU A 43 -2.00 0.97 8.84
N HIS A 44 -3.06 1.70 8.51
CA HIS A 44 -2.99 3.14 8.35
C HIS A 44 -3.78 3.82 9.47
N VAL A 45 -3.08 4.40 10.43
CA VAL A 45 -3.70 5.13 11.52
C VAL A 45 -3.87 6.55 11.07
N ARG A 46 -5.10 6.85 10.61
CA ARG A 46 -5.38 8.15 10.04
C ARG A 46 -5.56 9.17 11.16
N GLU A 47 -5.24 10.44 10.90
CA GLU A 47 -5.51 11.50 11.87
C GLU A 47 -6.97 11.55 12.30
N ASP A 48 -7.87 11.30 11.36
CA ASP A 48 -9.31 11.32 11.60
C ASP A 48 -9.88 10.02 12.26
N ARG A 49 -8.98 9.07 12.50
CA ARG A 49 -9.31 7.79 13.17
C ARG A 49 -10.52 7.08 12.53
N ARG A 50 -10.57 7.10 11.21
CA ARG A 50 -11.65 6.46 10.45
C ARG A 50 -11.74 4.94 10.73
N HIS A 51 -10.58 4.28 10.81
CA HIS A 51 -10.57 2.82 10.98
C HIS A 51 -9.59 2.33 12.04
N ALA A 52 -8.35 2.11 11.67
CA ALA A 52 -7.33 1.65 12.60
C ALA A 52 -7.05 2.78 13.60
N GLN A 53 -6.85 2.40 14.85
CA GLN A 53 -6.71 3.32 15.93
C GLN A 53 -5.31 3.24 16.56
N ASP A 54 -4.94 4.24 17.37
CA ASP A 54 -3.68 4.19 18.06
C ASP A 54 -3.52 2.95 18.94
N PHE A 55 -4.62 2.51 19.59
CA PHE A 55 -4.53 1.33 20.40
C PHE A 55 -4.24 0.07 19.58
N ASP A 56 -4.67 0.04 18.33
CA ASP A 56 -4.36 -1.07 17.45
C ASP A 56 -2.87 -1.17 17.18
N LEU A 57 -2.26 -0.03 16.91
CA LEU A 57 -0.82 0.02 16.65
C LEU A 57 -0.07 -0.44 17.94
N GLU A 58 -0.48 0.05 19.10
CA GLU A 58 0.15 -0.31 20.35
CA GLU A 58 0.23 -0.31 20.31
C GLU A 58 0.06 -1.80 20.59
N ASN A 59 -1.15 -2.32 20.47
CA ASN A 59 -1.43 -3.74 20.74
C ASN A 59 -0.70 -4.67 19.78
N ILE A 60 -0.71 -4.33 18.50
CA ILE A 60 -0.01 -5.15 17.49
C ILE A 60 1.51 -5.19 17.70
N ILE A 61 2.10 -4.06 18.03
CA ILE A 61 3.54 -3.98 18.32
C ILE A 61 3.86 -4.76 19.57
N LYS A 62 2.98 -4.72 20.57
CA LYS A 62 3.29 -5.41 21.83
CA LYS A 62 3.20 -5.37 21.86
C LYS A 62 3.01 -6.89 21.81
N PHE A 63 2.06 -7.32 20.96
CA PHE A 63 1.59 -8.69 20.98
C PHE A 63 1.87 -9.60 19.79
N CYS A 64 2.25 -9.06 18.64
CA CYS A 64 2.33 -9.86 17.41
C CYS A 64 3.76 -10.12 16.94
N LYS A 65 3.98 -11.36 16.51
CA LYS A 65 5.28 -11.81 16.03
C LYS A 65 5.40 -11.57 14.52
N SER A 66 5.67 -10.33 14.17
CA SER A 66 5.68 -9.92 12.73
C SER A 66 6.25 -8.54 12.61
N PRO A 67 6.95 -8.24 11.52
CA PRO A 67 7.19 -6.86 11.24
C PRO A 67 5.90 -6.11 11.07
N VAL A 68 5.92 -4.86 11.50
CA VAL A 68 4.79 -3.94 11.41
C VAL A 68 5.15 -2.79 10.49
N ASN A 69 4.25 -2.48 9.54
CA ASN A 69 4.39 -1.35 8.66
C ASN A 69 3.24 -0.39 8.96
N LEU A 70 3.55 0.68 9.69
CA LEU A 70 2.58 1.73 9.91
C LEU A 70 2.48 2.70 8.73
N GLU A 71 1.28 2.86 8.15
CA GLU A 71 1.10 3.93 7.17
C GLU A 71 0.60 5.13 7.95
N CYS A 72 1.16 6.28 7.67
CA CYS A 72 0.73 7.51 8.33
C CYS A 72 1.12 8.72 7.53
N ALA A 73 0.53 9.84 7.93
CA ALA A 73 0.80 11.11 7.28
C ALA A 73 1.79 11.94 8.10
N LEU A 74 1.89 13.23 7.79
CA LEU A 74 2.95 14.05 8.39
C LEU A 74 2.54 14.81 9.65
N ASN A 75 1.35 14.58 10.16
CA ASN A 75 0.92 15.24 11.37
C ASN A 75 1.76 14.82 12.58
N ASP A 76 2.03 15.79 13.48
CA ASP A 76 2.91 15.52 14.63
C ASP A 76 2.38 14.41 15.51
N GLU A 77 1.06 14.34 15.66
CA GLU A 77 0.44 13.40 16.58
C GLU A 77 0.82 11.97 16.23
N ILE A 78 0.62 11.60 14.96
CA ILE A 78 0.90 10.23 14.52
C ILE A 78 2.41 10.01 14.37
N LEU A 79 3.16 11.01 13.87
CA LEU A 79 4.62 10.84 13.85
C LEU A 79 5.18 10.65 15.25
N ASN A 80 4.69 11.42 16.22
CA ASN A 80 5.14 11.22 17.62
C ASN A 80 4.83 9.82 18.15
N LEU A 81 3.67 9.31 17.79
CA LEU A 81 3.28 7.98 18.20
C LEU A 81 4.21 6.92 17.58
N ALA A 82 4.52 7.09 16.30
CA ALA A 82 5.50 6.21 15.62
C ALA A 82 6.87 6.27 16.28
N LEU A 83 7.33 7.47 16.63
CA LEU A 83 8.58 7.62 17.33
C LEU A 83 8.57 6.97 18.72
N LYS A 84 7.43 6.95 19.37
CA LYS A 84 7.31 6.35 20.71
C LYS A 84 7.22 4.84 20.63
N LEU A 85 6.36 4.34 19.75
CA LEU A 85 6.11 2.89 19.66
C LEU A 85 7.05 2.12 18.76
N LYS A 86 7.65 2.79 17.78
CA LYS A 86 8.72 2.23 16.94
C LYS A 86 8.31 1.00 16.14
N PRO A 87 7.33 1.16 15.25
CA PRO A 87 7.14 0.10 14.26
C PRO A 87 8.39 -0.14 13.46
N HIS A 88 8.51 -1.31 12.86
CA HIS A 88 9.63 -1.61 12.02
C HIS A 88 9.76 -0.67 10.85
N ARG A 89 8.62 -0.32 10.25
CA ARG A 89 8.62 0.54 9.10
C ARG A 89 7.46 1.51 9.20
N VAL A 90 7.69 2.70 8.66
CA VAL A 90 6.66 3.69 8.43
C VAL A 90 6.59 3.97 6.96
N THR A 91 5.39 3.88 6.40
CA THR A 91 5.14 4.24 5.02
C THR A 91 4.36 5.56 5.05
N LEU A 92 4.97 6.62 4.50
CA LEU A 92 4.38 7.97 4.57
C LEU A 92 3.38 8.08 3.44
N VAL A 93 2.13 8.40 3.82
CA VAL A 93 1.05 8.50 2.88
C VAL A 93 0.35 9.82 3.15
N PRO A 94 -0.25 10.38 2.12
CA PRO A 94 -0.94 11.62 2.31
C PRO A 94 -2.36 11.51 2.84
N GLU A 95 -2.79 12.51 3.62
CA GLU A 95 -4.15 12.62 4.12
C GLU A 95 -4.73 14.01 3.81
N LYS A 96 -3.97 15.02 4.14
CA LYS A 96 -4.42 16.43 3.98
C LYS A 96 -4.17 16.96 2.55
N ARG A 97 -4.91 17.99 2.15
CA ARG A 97 -4.70 18.62 0.83
C ARG A 97 -3.22 18.99 0.63
N GLU A 98 -2.59 19.53 1.66
CA GLU A 98 -1.22 19.95 1.60
C GLU A 98 -0.20 18.81 1.37
N GLU A 99 -0.61 17.59 1.64
CA GLU A 99 0.25 16.41 1.46
C GLU A 99 -0.02 15.64 0.17
N LEU A 100 -1.12 15.96 -0.48
CA LEU A 100 -1.67 15.15 -1.56
C LEU A 100 -1.25 15.65 -2.94
N THR A 101 -1.16 14.74 -3.89
CA THR A 101 -0.99 15.16 -5.25
C THR A 101 -2.32 14.84 -5.91
N THR A 102 -2.52 15.28 -7.15
CA THR A 102 -3.77 15.01 -7.86
C THR A 102 -3.97 13.53 -8.14
N GLU A 103 -2.89 12.75 -8.23
CA GLU A 103 -3.01 11.32 -8.54
C GLU A 103 -3.03 10.43 -7.30
N GLY A 104 -2.83 11.02 -6.14
CA GLY A 104 -2.95 10.34 -4.84
C GLY A 104 -1.66 9.98 -4.13
N GLY A 105 -0.53 9.97 -4.85
CA GLY A 105 0.77 9.83 -4.22
C GLY A 105 1.11 10.99 -3.29
N LEU A 106 2.09 10.78 -2.41
CA LEU A 106 2.54 11.83 -1.50
C LEU A 106 3.18 12.97 -2.28
N CYS A 107 2.96 14.21 -1.83
CA CYS A 107 3.65 15.38 -2.42
C CYS A 107 5.06 15.47 -1.87
N LEU A 108 6.05 15.21 -2.73
CA LEU A 108 7.42 15.10 -2.27
C LEU A 108 8.06 16.47 -2.08
N ASN A 109 7.31 17.52 -2.38
CA ASN A 109 7.77 18.88 -2.07
C ASN A 109 7.30 19.39 -0.70
N HIS A 110 6.59 18.58 0.09
CA HIS A 110 6.03 19.04 1.33
C HIS A 110 7.14 19.55 2.26
N ALA A 111 6.89 20.71 2.89
CA ALA A 111 7.93 21.43 3.68
C ALA A 111 8.44 20.63 4.90
N LYS A 112 7.65 19.67 5.38
CA LYS A 112 8.01 18.87 6.56
C LYS A 112 8.48 17.43 6.25
N LEU A 113 8.51 17.07 4.97
CA LEU A 113 8.81 15.71 4.60
C LEU A 113 10.25 15.33 4.97
N LYS A 114 11.22 16.17 4.59
CA LYS A 114 12.60 15.84 4.84
CA LYS A 114 12.61 15.86 4.85
C LYS A 114 12.87 15.66 6.33
N GLN A 115 12.39 16.56 7.17
CA GLN A 115 12.67 16.43 8.60
C GLN A 115 11.92 15.23 9.21
N SER A 116 10.76 14.91 8.64
CA SER A 116 9.97 13.76 9.09
C SER A 116 10.74 12.46 8.83
N ILE A 117 11.30 12.36 7.64
CA ILE A 117 12.12 11.19 7.27
C ILE A 117 13.31 11.11 8.20
N GLU A 118 13.98 12.24 8.41
CA GLU A 118 15.12 12.32 9.33
CA GLU A 118 15.15 12.25 9.30
C GLU A 118 14.84 11.78 10.74
N LYS A 119 13.75 12.25 11.34
CA LYS A 119 13.38 11.86 12.71
C LYS A 119 13.13 10.35 12.76
N LEU A 120 12.37 9.84 11.80
CA LEU A 120 12.09 8.39 11.77
C LEU A 120 13.36 7.54 11.61
N GLN A 121 14.21 7.92 10.67
CA GLN A 121 15.46 7.17 10.44
C GLN A 121 16.41 7.25 11.63
N ASN A 122 16.41 8.41 12.30
CA ASN A 122 17.19 8.59 13.52
CA ASN A 122 17.20 8.59 13.52
C ASN A 122 16.72 7.66 14.64
N ALA A 123 15.43 7.31 14.60
CA ALA A 123 14.84 6.38 15.55
C ALA A 123 14.95 4.92 15.09
N ASN A 124 15.69 4.69 14.01
CA ASN A 124 15.92 3.38 13.44
C ASN A 124 14.65 2.75 12.88
N ILE A 125 13.74 3.60 12.39
CA ILE A 125 12.53 3.12 11.73
C ILE A 125 12.76 3.18 10.20
N GLU A 126 12.49 2.09 9.46
CA GLU A 126 12.62 2.08 8.03
C GLU A 126 11.55 3.01 7.46
N VAL A 127 11.89 3.75 6.42
CA VAL A 127 10.94 4.71 5.82
C VAL A 127 10.67 4.35 4.37
N SER A 128 9.40 4.21 4.03
CA SER A 128 8.93 4.07 2.67
C SER A 128 8.06 5.29 2.30
N LEU A 129 8.19 5.76 1.06
CA LEU A 129 7.35 6.87 0.56
C LEU A 129 6.36 6.29 -0.43
N PHE A 130 5.09 6.54 -0.19
CA PHE A 130 4.01 6.17 -1.12
C PHE A 130 3.88 7.22 -2.21
N ILE A 131 4.25 6.83 -3.43
CA ILE A 131 4.43 7.76 -4.50
C ILE A 131 3.70 7.36 -5.77
N ASN A 132 3.30 8.37 -6.52
CA ASN A 132 2.88 8.14 -7.89
C ASN A 132 4.02 7.48 -8.66
N PRO A 133 3.68 6.60 -9.62
CA PRO A 133 4.71 5.98 -10.44
C PRO A 133 5.22 6.96 -11.50
N SER A 134 6.14 7.83 -11.10
CA SER A 134 6.80 8.70 -12.04
C SER A 134 8.28 8.69 -11.76
N LEU A 135 9.04 8.68 -12.83
CA LEU A 135 10.49 8.66 -12.73
C LEU A 135 10.96 9.88 -11.91
N GLU A 136 10.34 11.05 -12.07
CA GLU A 136 10.76 12.23 -11.33
CA GLU A 136 10.72 12.25 -11.33
C GLU A 136 10.56 12.02 -9.83
N ASP A 137 9.44 11.40 -9.44
CA ASP A 137 9.23 11.15 -8.00
C ASP A 137 10.16 10.09 -7.43
N ILE A 138 10.51 9.15 -8.25
CA ILE A 138 11.49 8.15 -7.80
C ILE A 138 12.84 8.82 -7.54
N GLU A 139 13.27 9.73 -8.42
CA GLU A 139 14.51 10.41 -8.16
C GLU A 139 14.44 11.28 -6.92
N LYS A 140 13.32 11.97 -6.74
CA LYS A 140 13.14 12.81 -5.56
C LYS A 140 13.19 11.98 -4.27
N SER A 141 12.59 10.79 -4.31
CA SER A 141 12.62 9.88 -3.18
C SER A 141 14.06 9.47 -2.82
N LYS A 142 14.86 9.15 -3.84
CA LYS A 142 16.28 8.86 -3.62
C LYS A 142 16.98 10.05 -2.92
N ILE A 143 16.75 11.26 -3.42
CA ILE A 143 17.34 12.47 -2.85
C ILE A 143 16.93 12.66 -1.37
N LEU A 144 15.66 12.33 -1.04
CA LEU A 144 15.12 12.43 0.32
C LEU A 144 15.62 11.31 1.26
N LYS A 145 16.39 10.37 0.71
CA LYS A 145 17.09 9.35 1.49
C LYS A 145 16.18 8.21 1.93
N ALA A 146 15.02 8.09 1.29
CA ALA A 146 14.16 6.95 1.54
C ALA A 146 14.88 5.65 1.13
N GLN A 147 14.68 4.63 1.95
N GLN A 147 14.73 4.58 1.90
CA GLN A 147 15.14 3.25 1.70
CA GLN A 147 15.30 3.30 1.47
C GLN A 147 14.22 2.55 0.72
C GLN A 147 14.21 2.45 0.77
N PHE A 148 12.94 2.82 0.91
CA PHE A 148 11.83 2.16 0.23
CA PHE A 148 11.86 2.16 0.25
C PHE A 148 10.94 3.14 -0.47
N ILE A 149 10.38 2.73 -1.61
CA ILE A 149 9.25 3.46 -2.21
C ILE A 149 8.12 2.44 -2.42
N GLU A 150 6.91 2.93 -2.40
CA GLU A 150 5.77 2.12 -2.72
C GLU A 150 5.05 2.81 -3.87
N LEU A 151 5.02 2.13 -5.02
CA LEU A 151 4.36 2.68 -6.21
C LEU A 151 2.83 2.57 -6.10
N HIS A 152 2.15 3.65 -6.45
CA HIS A 152 0.70 3.75 -6.34
C HIS A 152 0.10 3.01 -7.56
N THR A 153 -0.35 1.79 -7.35
CA THR A 153 -0.98 1.01 -8.40
C THR A 153 -2.45 1.26 -8.64
N GLY A 154 -3.04 2.30 -8.06
CA GLY A 154 -4.47 2.51 -8.12
C GLY A 154 -5.02 2.71 -9.51
N HIS A 155 -4.32 3.51 -10.32
CA HIS A 155 -4.79 3.82 -11.64
C HIS A 155 -4.69 2.58 -12.54
N TYR A 156 -3.59 1.85 -12.42
CA TYR A 156 -3.42 0.53 -13.07
C TYR A 156 -4.59 -0.39 -12.71
N ALA A 157 -4.88 -0.45 -11.41
CA ALA A 157 -5.95 -1.35 -10.89
C ALA A 157 -7.30 -1.00 -11.45
N ASN A 158 -7.62 0.30 -11.49
CA ASN A 158 -8.90 0.73 -12.03
C ASN A 158 -9.03 0.41 -13.51
N LEU A 159 -7.92 0.53 -14.24
CA LEU A 159 -7.95 0.29 -15.65
C LEU A 159 -8.15 -1.20 -15.88
N HIS A 160 -7.43 -2.02 -15.11
CA HIS A 160 -7.60 -3.45 -15.20
C HIS A 160 -9.05 -3.87 -14.90
N ASN A 161 -9.60 -3.33 -13.83
CA ASN A 161 -11.00 -3.61 -13.45
C ASN A 161 -11.93 -3.24 -14.60
N ALA A 162 -11.71 -2.08 -15.20
CA ALA A 162 -12.58 -1.65 -16.27
C ALA A 162 -12.55 -2.55 -17.50
N LEU A 163 -11.35 -3.01 -17.85
CA LEU A 163 -11.14 -3.86 -19.02
C LEU A 163 -11.48 -5.33 -18.84
N PHE A 164 -11.31 -5.86 -17.65
CA PHE A 164 -11.37 -7.32 -17.49
C PHE A 164 -12.44 -7.84 -16.54
N SER A 165 -13.25 -6.93 -15.99
CA SER A 165 -14.36 -7.26 -15.13
C SER A 165 -15.66 -6.59 -15.60
N ASN A 166 -16.75 -6.83 -14.87
CA ASN A 166 -18.04 -6.26 -15.19
C ASN A 166 -18.26 -4.85 -14.57
N ILE A 167 -17.24 -4.27 -13.96
CA ILE A 167 -17.45 -3.10 -13.12
C ILE A 167 -18.15 -1.96 -13.87
N SER A 168 -17.85 -1.81 -15.16
CA SER A 168 -18.46 -0.75 -15.93
C SER A 168 -19.95 -0.87 -16.06
N HIS A 169 -20.52 -2.04 -15.77
CA HIS A 169 -21.95 -2.25 -15.84
C HIS A 169 -22.65 -2.05 -14.50
N THR A 170 -21.89 -1.68 -13.49
CA THR A 170 -22.40 -1.63 -12.15
C THR A 170 -22.44 -0.16 -11.69
N ALA A 171 -23.06 0.06 -10.54
CA ALA A 171 -23.06 1.40 -9.88
C ALA A 171 -21.70 1.88 -9.44
N PHE A 172 -20.70 1.00 -9.45
CA PHE A 172 -19.36 1.33 -9.10
C PHE A 172 -18.44 1.76 -10.27
N ALA A 173 -18.96 1.76 -11.50
CA ALA A 173 -18.24 2.23 -12.70
C ALA A 173 -17.67 3.63 -12.45
N LEU A 174 -16.45 3.84 -12.92
CA LEU A 174 -15.81 5.14 -12.77
C LEU A 174 -16.10 5.98 -13.99
N LYS A 175 -16.78 7.09 -13.79
CA LYS A 175 -17.16 7.97 -14.91
CA LYS A 175 -17.15 7.96 -14.92
C LYS A 175 -15.94 8.36 -15.78
N GLU A 176 -14.81 8.59 -15.14
CA GLU A 176 -13.54 8.92 -15.83
CA GLU A 176 -13.62 8.97 -15.89
C GLU A 176 -13.15 7.84 -16.84
N LEU A 177 -13.48 6.58 -16.55
CA LEU A 177 -13.12 5.51 -17.44
C LEU A 177 -14.26 5.12 -18.37
N ASP A 178 -15.26 5.98 -18.56
CA ASP A 178 -16.29 5.65 -19.55
C ASP A 178 -15.78 6.13 -20.91
N GLN A 179 -15.01 5.27 -21.56
CA GLN A 179 -14.28 5.62 -22.76
C GLN A 179 -14.31 4.41 -23.65
N ASP A 180 -14.03 4.60 -24.93
CA ASP A 180 -14.01 3.45 -25.79
C ASP A 180 -12.88 2.47 -25.35
N LYS A 181 -13.12 1.20 -25.61
CA LYS A 181 -12.24 0.16 -25.16
C LYS A 181 -10.83 0.26 -25.76
N LYS A 182 -10.72 0.67 -27.01
CA LYS A 182 -9.43 0.78 -27.65
C LYS A 182 -8.55 1.76 -26.88
N THR A 183 -9.08 2.94 -26.55
CA THR A 183 -8.37 3.94 -25.75
CA THR A 183 -8.26 3.89 -25.78
C THR A 183 -7.96 3.38 -24.38
N LEU A 184 -8.91 2.71 -23.71
CA LEU A 184 -8.63 2.10 -22.40
C LEU A 184 -7.53 1.06 -22.46
N GLN A 185 -7.55 0.22 -23.50
CA GLN A 185 -6.52 -0.81 -23.67
CA GLN A 185 -6.51 -0.83 -23.61
C GLN A 185 -5.14 -0.18 -23.81
N ALA A 186 -5.07 0.90 -24.58
CA ALA A 186 -3.80 1.63 -24.77
C ALA A 186 -3.34 2.27 -23.45
N GLN A 187 -4.26 2.89 -22.71
CA GLN A 187 -3.93 3.45 -21.40
C GLN A 187 -3.44 2.39 -20.41
N PHE A 188 -4.11 1.24 -20.40
CA PHE A 188 -3.70 0.14 -19.54
C PHE A 188 -2.27 -0.29 -19.88
N GLU A 189 -1.99 -0.52 -21.15
CA GLU A 189 -0.66 -0.99 -21.58
CA GLU A 189 -0.66 -1.00 -21.55
C GLU A 189 0.41 0.03 -21.17
N LYS A 190 0.10 1.29 -21.38
CA LYS A 190 1.01 2.37 -21.00
C LYS A 190 1.26 2.42 -19.49
N GLU A 191 0.19 2.32 -18.70
CA GLU A 191 0.32 2.39 -17.26
C GLU A 191 1.11 1.19 -16.74
N LEU A 192 0.87 0.00 -17.31
CA LEU A 192 1.62 -1.19 -16.87
C LEU A 192 3.09 -1.08 -17.24
N GLN A 193 3.36 -0.60 -18.48
CA GLN A 193 4.73 -0.39 -18.93
CA GLN A 193 4.74 -0.43 -18.90
C GLN A 193 5.42 0.59 -17.99
N ASN A 194 4.73 1.65 -17.67
CA ASN A 194 5.28 2.65 -16.78
C ASN A 194 5.61 2.10 -15.36
N LEU A 195 4.74 1.24 -14.83
CA LEU A 195 5.02 0.60 -13.56
C LEU A 195 6.34 -0.15 -13.62
N GLU A 196 6.56 -0.87 -14.72
CA GLU A 196 7.76 -1.69 -14.85
C GLU A 196 8.99 -0.78 -14.95
N LEU A 197 8.86 0.28 -15.74
CA LEU A 197 9.99 1.20 -15.90
C LEU A 197 10.36 1.87 -14.59
N CYS A 198 9.35 2.27 -13.83
CA CYS A 198 9.55 2.87 -12.51
C CYS A 198 10.18 1.90 -11.53
N ALA A 199 9.75 0.66 -11.51
CA ALA A 199 10.36 -0.33 -10.61
C ALA A 199 11.84 -0.54 -10.96
N LYS A 200 12.13 -0.63 -12.25
CA LYS A 200 13.51 -0.73 -12.72
C LYS A 200 14.35 0.45 -12.28
N LYS A 201 13.81 1.66 -12.44
CA LYS A 201 14.52 2.86 -12.01
C LYS A 201 14.79 2.85 -10.50
N GLY A 202 13.80 2.52 -9.71
CA GLY A 202 13.97 2.44 -8.26
C GLY A 202 15.11 1.52 -7.88
N LEU A 203 15.10 0.31 -8.45
CA LEU A 203 16.14 -0.66 -8.18
C LEU A 203 17.51 -0.14 -8.64
N GLU A 204 17.56 0.49 -9.82
CA GLU A 204 18.79 1.07 -10.35
C GLU A 204 19.36 2.11 -9.36
N LEU A 205 18.48 2.83 -8.65
CA LEU A 205 18.93 3.87 -7.70
C LEU A 205 19.21 3.31 -6.32
N GLY A 206 19.04 2.01 -6.15
CA GLY A 206 19.33 1.39 -4.87
C GLY A 206 18.16 1.44 -3.88
N LEU A 207 16.96 1.76 -4.37
CA LEU A 207 15.75 1.76 -3.53
C LEU A 207 15.16 0.35 -3.52
N LYS A 208 14.43 0.01 -2.48
CA LYS A 208 13.59 -1.19 -2.47
CA LYS A 208 13.61 -1.19 -2.51
C LYS A 208 12.21 -0.77 -2.96
N VAL A 209 11.62 -1.56 -3.85
CA VAL A 209 10.38 -1.14 -4.49
C VAL A 209 9.20 -2.05 -4.07
N ALA A 210 8.17 -1.40 -3.50
CA ALA A 210 6.91 -2.09 -3.16
C ALA A 210 5.80 -1.53 -4.04
N ALA A 211 4.64 -2.15 -4.00
CA ALA A 211 3.46 -1.68 -4.75
C ALA A 211 2.22 -2.10 -3.98
N GLY A 212 1.02 -1.74 -4.40
N GLY A 212 1.28 -1.19 -4.13
CA GLY A 212 -0.14 -2.53 -3.91
CA GLY A 212 0.09 -1.17 -3.37
C GLY A 212 -1.56 -1.99 -3.78
C GLY A 212 -0.91 -0.17 -3.85
N HIS A 213 -1.74 -0.67 -3.89
N HIS A 213 -2.14 -0.54 -3.57
CA HIS A 213 -3.05 -0.07 -3.76
CA HIS A 213 -3.32 0.23 -3.78
C HIS A 213 -3.99 -0.48 -4.90
C HIS A 213 -4.08 -0.36 -4.93
N GLY A 214 -5.21 -0.93 -4.56
CA GLY A 214 -6.17 -1.45 -5.50
C GLY A 214 -5.91 -2.85 -6.04
N LEU A 215 -4.84 -3.49 -5.61
CA LEU A 215 -4.53 -4.80 -6.15
C LEU A 215 -5.50 -5.86 -5.62
N ASN A 216 -5.93 -6.73 -6.53
CA ASN A 216 -6.92 -7.77 -6.24
C ASN A 216 -6.44 -9.09 -6.89
N TYR A 217 -7.24 -10.15 -6.80
CA TYR A 217 -6.74 -11.47 -7.15
C TYR A 217 -6.69 -11.66 -8.68
N LYS A 218 -7.21 -10.69 -9.42
CA LYS A 218 -7.10 -10.68 -10.88
C LYS A 218 -6.06 -9.70 -11.38
N ASN A 219 -6.12 -8.46 -10.95
CA ASN A 219 -5.20 -7.48 -11.51
C ASN A 219 -3.77 -7.60 -10.98
N VAL A 220 -3.54 -8.44 -9.98
CA VAL A 220 -2.19 -8.59 -9.40
C VAL A 220 -1.29 -9.31 -10.38
N LYS A 221 -1.87 -10.16 -11.23
CA LYS A 221 -1.04 -11.10 -11.95
C LYS A 221 0.02 -10.46 -12.85
N PRO A 222 -0.32 -9.41 -13.62
CA PRO A 222 0.74 -8.76 -14.42
C PRO A 222 1.81 -8.05 -13.57
N VAL A 223 1.44 -7.62 -12.38
CA VAL A 223 2.37 -6.97 -11.47
C VAL A 223 3.43 -7.94 -10.91
N VAL A 224 3.02 -9.16 -10.64
CA VAL A 224 3.92 -10.19 -10.18
C VAL A 224 5.08 -10.40 -11.19
N LYS A 225 4.78 -10.21 -12.48
CA LYS A 225 5.78 -10.41 -13.53
C LYS A 225 6.85 -9.31 -13.55
N ILE A 226 6.67 -8.24 -12.79
CA ILE A 226 7.67 -7.18 -12.68
C ILE A 226 8.65 -7.62 -11.59
N LYS A 227 9.80 -8.11 -12.03
CA LYS A 227 10.80 -8.72 -11.19
CA LYS A 227 10.75 -8.76 -11.13
C LYS A 227 11.34 -7.77 -10.13
N GLU A 228 11.36 -6.50 -10.44
CA GLU A 228 12.00 -5.50 -9.61
C GLU A 228 11.15 -5.02 -8.43
N ILE A 229 9.89 -5.41 -8.41
CA ILE A 229 9.04 -5.15 -7.25
C ILE A 229 9.20 -6.30 -6.27
N CYS A 230 9.67 -6.00 -5.05
CA CYS A 230 9.98 -7.04 -4.06
C CYS A 230 8.89 -7.28 -3.01
N GLU A 231 7.88 -6.43 -2.98
CA GLU A 231 6.87 -6.47 -1.91
C GLU A 231 5.57 -5.87 -2.40
N LEU A 232 4.49 -6.46 -1.98
CA LEU A 232 3.17 -5.90 -2.23
C LEU A 232 2.46 -5.71 -0.88
N ASN A 233 1.81 -4.55 -0.71
CA ASN A 233 0.98 -4.32 0.44
C ASN A 233 -0.45 -4.27 -0.06
N ILE A 234 -1.24 -5.23 0.39
CA ILE A 234 -2.59 -5.37 -0.11
C ILE A 234 -3.55 -5.51 1.08
N GLY A 235 -4.66 -4.80 1.03
CA GLY A 235 -5.65 -4.87 2.11
C GLY A 235 -7.06 -5.18 1.66
N GLN A 236 -7.67 -4.23 0.98
CA GLN A 236 -9.09 -4.25 0.76
C GLN A 236 -9.55 -5.49 0.03
N SER A 237 -8.82 -5.95 -0.99
CA SER A 237 -9.25 -7.13 -1.73
C SER A 237 -9.15 -8.42 -0.92
N ILE A 238 -8.17 -8.47 -0.02
CA ILE A 238 -7.99 -9.63 0.83
C ILE A 238 -9.11 -9.69 1.88
N VAL A 239 -9.46 -8.53 2.46
CA VAL A 239 -10.59 -8.47 3.39
C VAL A 239 -11.87 -8.83 2.67
N ALA A 240 -12.04 -8.35 1.45
CA ALA A 240 -13.22 -8.67 0.69
C ALA A 240 -13.31 -10.17 0.38
N ARG A 241 -12.19 -10.83 0.04
CA ARG A 241 -12.19 -12.26 -0.17
CA ARG A 241 -12.19 -12.27 -0.18
C ARG A 241 -12.46 -13.02 1.13
N SER A 242 -11.94 -12.52 2.25
CA SER A 242 -12.04 -13.18 3.58
C SER A 242 -13.51 -13.41 3.99
N VAL A 243 -14.43 -12.52 3.60
CA VAL A 243 -15.85 -12.66 3.88
C VAL A 243 -16.34 -14.03 3.34
N PHE A 244 -15.76 -14.45 2.23
CA PHE A 244 -16.11 -15.74 1.63
C PHE A 244 -15.31 -16.94 2.12
N THR A 245 -14.01 -16.76 2.35
CA THR A 245 -13.13 -17.89 2.58
C THR A 245 -12.48 -17.90 3.95
N GLY A 246 -12.54 -16.78 4.66
CA GLY A 246 -11.84 -16.59 5.92
C GLY A 246 -10.46 -16.02 5.62
N LEU A 247 -9.93 -15.28 6.60
CA LEU A 247 -8.76 -14.46 6.37
C LEU A 247 -7.52 -15.32 6.10
N GLN A 248 -7.33 -16.41 6.84
CA GLN A 248 -6.18 -17.28 6.59
C GLN A 248 -6.12 -17.75 5.13
N ASN A 249 -7.24 -18.29 4.64
CA ASN A 249 -7.33 -18.73 3.25
C ASN A 249 -7.19 -17.62 2.23
N ALA A 250 -7.72 -16.45 2.51
CA ALA A 250 -7.58 -15.30 1.65
C ALA A 250 -6.12 -14.90 1.51
N ILE A 251 -5.40 -14.89 2.63
CA ILE A 251 -3.96 -14.61 2.58
C ILE A 251 -3.20 -15.69 1.80
N LEU A 252 -3.49 -16.96 2.09
CA LEU A 252 -2.74 -18.03 1.46
C LEU A 252 -2.99 -18.03 -0.05
N GLU A 253 -4.23 -17.71 -0.50
CA GLU A 253 -4.56 -17.63 -1.92
CA GLU A 253 -4.55 -17.66 -1.92
C GLU A 253 -3.74 -16.56 -2.58
N MSE A 254 -3.61 -15.41 -1.92
CA MSE A 254 -2.80 -14.31 -2.47
C MSE A 254 -1.31 -14.68 -2.54
O MSE A 254 -0.66 -14.43 -3.54
CB MSE A 254 -3.03 -12.97 -1.73
CG MSE A 254 -2.23 -11.80 -2.31
SE MSE A 254 -2.76 -11.36 -4.14
CE MSE A 254 -4.47 -10.47 -3.79
N LYS A 255 -0.80 -15.31 -1.48
CA LYS A 255 0.57 -15.82 -1.49
C LYS A 255 0.82 -16.76 -2.66
N GLU A 256 -0.15 -17.60 -3.01
CA GLU A 256 0.06 -18.49 -4.13
C GLU A 256 0.16 -17.72 -5.46
N LEU A 257 -0.60 -16.64 -5.61
CA LEU A 257 -0.56 -15.85 -6.84
C LEU A 257 0.76 -15.12 -7.04
N ILE A 258 1.41 -14.74 -5.95
CA ILE A 258 2.61 -13.94 -6.06
C ILE A 258 3.91 -14.76 -6.04
N LYS A 259 3.81 -16.09 -5.98
CA LYS A 259 4.91 -16.98 -6.29
C LYS A 259 5.43 -16.75 -7.68
N ARG A 260 6.73 -16.73 -7.81
CA ARG A 260 7.32 -16.63 -9.14
C ARG A 260 8.70 -17.30 -9.17
P PO4 B . -5.41 -1.56 -0.66
O1 PO4 B . -6.42 -1.66 0.47
O2 PO4 B . -4.33 -0.67 -0.18
O3 PO4 B . -5.96 -0.88 -1.86
O4 PO4 B . -4.85 -2.90 -1.06
P PO4 C . -8.94 3.56 2.99
O1 PO4 C . -8.07 3.96 4.16
O2 PO4 C . -8.61 4.39 1.75
O3 PO4 C . -10.36 3.89 3.33
O4 PO4 C . -8.53 2.12 2.70
#